data_4G9Z
#
_entry.id   4G9Z
#
_cell.length_a   46.744
_cell.length_b   46.744
_cell.length_c   217.315
_cell.angle_alpha   90.00
_cell.angle_beta   90.00
_cell.angle_gamma   90.00
#
_symmetry.space_group_name_H-M   'P 41 21 2'
#
loop_
_entity.id
_entity.type
_entity.pdbx_description
1 polymer "RNA (5'-R(P*GP*CP*CP*C)-3')"
2 polymer "RNA (5'-R(P*GP*GP*GP*C)-3')"
3 polymer Nucleoprotein
4 non-polymer 'ZINC ION'
5 water water
#
loop_
_entity_poly.entity_id
_entity_poly.type
_entity_poly.pdbx_seq_one_letter_code
_entity_poly.pdbx_strand_id
1 'polyribonucleotide' GCCC E
2 'polyribonucleotide' GGGC F
3 'polypeptide(L)'
;AMDHVEFGLTYSQLMTLKDAMLQLDPNAKTWMDIEGRPEDPVEIALYQPSSGCYIHFFREPTDLKQFKQDAKYSHGIDVT
DLFATQPGLTSAVIDALPRNMVITCQGSDDIRKLLESQGRKDIKLIDIALSKTDSRKYENAVWDQYKDLCHMHTGVVVEK
KKRGGKEEITPHCALMDCIMFDAAVSGGLNTSVLRAVLPRDMVFRTSTPRVVL
;
A
#
# COMPACT_ATOMS: atom_id res chain seq x y z
N ALA C 1 -18.57 -0.98 -23.73
CA ALA C 1 -17.24 -1.19 -24.40
C ALA C 1 -17.20 -2.51 -25.18
N MET C 2 -16.24 -2.61 -26.10
CA MET C 2 -15.93 -3.89 -26.75
C MET C 2 -14.68 -4.55 -26.15
N ASP C 3 -14.21 -4.01 -25.02
CA ASP C 3 -13.03 -4.55 -24.34
C ASP C 3 -13.43 -5.44 -23.17
N HIS C 4 -12.88 -6.66 -23.16
CA HIS C 4 -13.27 -7.67 -22.18
C HIS C 4 -12.05 -8.39 -21.64
N VAL C 5 -11.40 -7.76 -20.67
CA VAL C 5 -10.17 -8.30 -20.08
C VAL C 5 -10.38 -8.59 -18.59
N GLU C 6 -10.31 -9.85 -18.20
CA GLU C 6 -10.58 -10.26 -16.82
C GLU C 6 -9.46 -9.87 -15.84
N PHE C 7 -8.21 -10.07 -16.27
CA PHE C 7 -7.06 -9.83 -15.39
C PHE C 7 -6.08 -8.83 -16.01
N GLY C 8 -5.36 -8.11 -15.16
CA GLY C 8 -4.25 -7.28 -15.62
C GLY C 8 -2.96 -8.07 -15.69
N LEU C 9 -2.93 -9.20 -14.97
CA LEU C 9 -1.75 -10.05 -14.85
C LEU C 9 -1.90 -11.36 -15.61
N THR C 10 -0.78 -11.89 -16.10
CA THR C 10 -0.78 -13.21 -16.72
C THR C 10 -0.98 -14.29 -15.65
N TYR C 11 -1.44 -15.47 -16.08
CA TYR C 11 -1.66 -16.59 -15.17
C TYR C 11 -0.38 -16.94 -14.39
N SER C 12 0.76 -16.90 -15.09
CA SER C 12 2.07 -17.13 -14.50
C SER C 12 2.30 -16.22 -13.31
N GLN C 13 2.08 -14.92 -13.54
CA GLN C 13 2.24 -13.90 -12.49
C GLN C 13 1.18 -14.01 -11.39
N LEU C 14 -0.04 -14.39 -11.75
CA LEU C 14 -1.09 -14.65 -10.77
C LEU C 14 -0.73 -15.83 -9.85
N MET C 15 -0.09 -16.85 -10.41
CA MET C 15 0.35 -18.01 -9.64
C MET C 15 1.53 -17.66 -8.73
N THR C 16 2.48 -16.88 -9.25
CA THR C 16 3.59 -16.37 -8.42
C THR C 16 3.03 -15.53 -7.25
N LEU C 17 2.04 -14.69 -7.54
CA LEU C 17 1.40 -13.86 -6.52
C LEU C 17 0.72 -14.69 -5.44
N LYS C 18 -0.08 -15.67 -5.86
CA LYS C 18 -0.79 -16.57 -4.93
C LYS C 18 0.21 -17.24 -3.99
N ASP C 19 1.32 -17.75 -4.53
CA ASP C 19 2.37 -18.34 -3.73
C ASP C 19 2.98 -17.33 -2.74
N ALA C 20 3.34 -16.14 -3.24
CA ALA C 20 3.90 -15.08 -2.40
C ALA C 20 2.99 -14.74 -1.22
N MET C 21 1.70 -14.72 -1.48
CA MET C 21 0.71 -14.33 -0.47
C MET C 21 0.51 -15.37 0.65
N LEU C 22 1.05 -16.58 0.45
CA LEU C 22 1.03 -17.59 1.52
C LEU C 22 1.93 -17.17 2.70
N GLN C 23 2.78 -16.18 2.49
CA GLN C 23 3.60 -15.61 3.56
C GLN C 23 2.76 -14.79 4.54
N LEU C 24 1.58 -14.35 4.08
CA LEU C 24 0.60 -13.71 4.95
C LEU C 24 -0.09 -14.76 5.79
N ASP C 25 -0.14 -14.50 7.09
CA ASP C 25 -0.94 -15.32 8.02
C ASP C 25 -2.38 -14.82 7.99
N PRO C 26 -3.35 -15.67 7.59
CA PRO C 26 -4.73 -15.18 7.47
C PRO C 26 -5.32 -14.70 8.77
N ASN C 27 -4.72 -15.05 9.90
CA ASN C 27 -5.27 -14.75 11.22
C ASN C 27 -4.45 -13.81 12.08
N ALA C 28 -3.30 -13.38 11.58
CA ALA C 28 -2.46 -12.39 12.27
C ALA C 28 -3.04 -10.99 12.05
N LYS C 29 -2.82 -10.11 13.02
CA LYS C 29 -3.17 -8.69 12.86
C LYS C 29 -2.57 -8.16 11.56
N THR C 30 -3.41 -7.50 10.76
CA THR C 30 -3.00 -7.02 9.45
C THR C 30 -3.48 -5.59 9.29
N TRP C 31 -2.51 -4.68 9.10
CA TRP C 31 -2.81 -3.31 8.80
C TRP C 31 -2.89 -3.12 7.31
N MET C 32 -3.75 -2.20 6.88
CA MET C 32 -3.79 -1.78 5.49
C MET C 32 -3.93 -0.26 5.43
N ASP C 33 -3.24 0.33 4.48
CA ASP C 33 -3.29 1.78 4.30
C ASP C 33 -3.06 2.08 2.83
N ILE C 34 -3.63 3.18 2.34
CA ILE C 34 -3.43 3.59 0.97
C ILE C 34 -3.08 5.08 0.87
N GLU C 35 -2.38 5.46 -0.19
CA GLU C 35 -2.34 6.86 -0.60
C GLU C 35 -3.06 6.95 -1.92
N GLY C 36 -3.66 8.11 -2.18
CA GLY C 36 -4.57 8.28 -3.30
C GLY C 36 -6.00 8.00 -2.87
N ARG C 37 -6.95 8.34 -3.75
CA ARG C 37 -8.37 8.12 -3.49
C ARG C 37 -8.70 6.64 -3.62
N PRO C 38 -9.72 6.16 -2.87
CA PRO C 38 -10.10 4.75 -2.95
C PRO C 38 -10.52 4.33 -4.35
N GLU C 39 -11.07 5.27 -5.12
CA GLU C 39 -11.46 5.03 -6.51
C GLU C 39 -10.27 5.16 -7.49
N ASP C 40 -9.14 5.70 -7.00
CA ASP C 40 -7.97 5.93 -7.84
C ASP C 40 -6.65 5.85 -7.02
N PRO C 41 -6.41 4.70 -6.38
CA PRO C 41 -5.29 4.54 -5.46
C PRO C 41 -3.94 4.59 -6.17
N VAL C 42 -2.92 5.11 -5.49
CA VAL C 42 -1.58 5.17 -6.09
C VAL C 42 -0.52 4.43 -5.30
N GLU C 43 -0.79 4.21 -4.01
CA GLU C 43 0.13 3.45 -3.16
C GLU C 43 -0.66 2.58 -2.17
N ILE C 44 -0.30 1.30 -2.10
CA ILE C 44 -1.01 0.36 -1.24
C ILE C 44 -0.02 -0.40 -0.37
N ALA C 45 -0.35 -0.54 0.91
CA ALA C 45 0.48 -1.30 1.82
C ALA C 45 -0.34 -2.12 2.79
N LEU C 46 0.09 -3.36 3.03
CA LEU C 46 -0.46 -4.19 4.10
C LEU C 46 0.70 -4.71 4.93
N TYR C 47 0.49 -4.83 6.23
CA TYR C 47 1.60 -5.06 7.14
C TYR C 47 1.18 -5.96 8.29
N GLN C 48 1.95 -7.02 8.52
CA GLN C 48 1.72 -7.90 9.67
C GLN C 48 2.89 -7.81 10.62
N PRO C 49 2.74 -7.04 11.71
CA PRO C 49 3.84 -6.86 12.66
C PRO C 49 4.38 -8.17 13.27
N SER C 50 3.52 -9.17 13.43
CA SER C 50 3.93 -10.44 14.06
C SER C 50 5.09 -11.13 13.33
N SER C 51 5.15 -10.98 12.01
CA SER C 51 6.24 -11.58 11.21
C SER C 51 7.18 -10.54 10.64
N GLY C 52 6.72 -9.29 10.55
CA GLY C 52 7.46 -8.24 9.86
C GLY C 52 7.20 -8.22 8.36
N CYS C 53 6.29 -9.06 7.88
CA CYS C 53 6.00 -9.14 6.45
C CYS C 53 5.13 -7.97 6.01
N TYR C 54 5.44 -7.42 4.83
CA TYR C 54 4.60 -6.36 4.28
C TYR C 54 4.41 -6.51 2.77
N ILE C 55 3.25 -6.08 2.30
CA ILE C 55 2.95 -5.97 0.89
C ILE C 55 2.96 -4.48 0.58
N HIS C 56 3.68 -4.08 -0.46
CA HIS C 56 3.82 -2.68 -0.79
C HIS C 56 3.97 -2.52 -2.28
N PHE C 57 3.08 -1.72 -2.87
CA PHE C 57 3.15 -1.48 -4.32
C PHE C 57 2.44 -0.19 -4.71
N PHE C 58 2.59 0.16 -5.99
CA PHE C 58 2.12 1.42 -6.50
C PHE C 58 1.26 1.22 -7.73
N ARG C 59 0.57 2.30 -8.12
CA ARG C 59 -0.32 2.27 -9.27
C ARG C 59 -0.41 3.66 -9.86
N GLU C 60 -0.42 3.76 -11.18
CA GLU C 60 -0.51 5.04 -11.87
C GLU C 60 -1.95 5.57 -11.78
N PRO C 61 -2.10 6.86 -11.45
CA PRO C 61 -3.44 7.43 -11.32
C PRO C 61 -4.12 7.62 -12.67
N THR C 62 -5.44 7.57 -12.66
CA THR C 62 -6.29 7.87 -13.82
C THR C 62 -6.55 9.39 -13.89
N ASP C 63 -6.71 10.00 -12.72
CA ASP C 63 -6.97 11.43 -12.63
C ASP C 63 -5.70 12.17 -12.26
N LEU C 64 -4.99 12.64 -13.26
CA LEU C 64 -3.68 13.29 -13.10
C LEU C 64 -3.77 14.64 -12.41
N LYS C 65 -4.88 15.34 -12.66
CA LYS C 65 -5.13 16.67 -12.09
C LYS C 65 -5.33 16.58 -10.56
N GLN C 66 -6.15 15.62 -10.15
CA GLN C 66 -6.42 15.39 -8.73
C GLN C 66 -5.17 14.87 -8.03
N PHE C 67 -4.40 14.03 -8.72
CA PHE C 67 -3.14 13.49 -8.19
C PHE C 67 -2.11 14.55 -7.82
N LYS C 68 -1.84 15.48 -8.75
CA LYS C 68 -0.86 16.54 -8.54
C LYS C 68 -1.24 17.40 -7.34
N GLN C 69 -2.55 17.53 -7.14
CA GLN C 69 -3.12 18.29 -6.02
C GLN C 69 -2.97 17.50 -4.71
N ASP C 70 -3.33 16.22 -4.74
CA ASP C 70 -3.16 15.35 -3.57
C ASP C 70 -1.69 15.28 -3.14
N ALA C 71 -0.78 15.31 -4.13
CA ALA C 71 0.64 15.18 -3.84
C ALA C 71 1.14 16.37 -3.01
N LYS C 72 0.61 17.56 -3.29
CA LYS C 72 0.95 18.80 -2.61
C LYS C 72 0.59 18.77 -1.12
N TYR C 73 -0.53 18.13 -0.78
CA TYR C 73 -1.07 18.15 0.57
C TYR C 73 -0.93 16.85 1.35
N SER C 74 -0.49 15.78 0.70
CA SER C 74 -0.41 14.50 1.39
C SER C 74 0.85 13.70 1.06
N HIS C 75 0.91 13.10 -0.11
CA HIS C 75 1.85 11.98 -0.35
C HIS C 75 3.15 12.40 -1.01
N GLY C 76 3.17 13.54 -1.70
CA GLY C 76 4.39 14.03 -2.33
C GLY C 76 5.02 13.08 -3.35
N ILE C 77 4.21 12.23 -3.96
CA ILE C 77 4.69 11.37 -5.03
C ILE C 77 4.69 12.14 -6.36
N ASP C 78 5.79 12.04 -7.08
CA ASP C 78 5.89 12.51 -8.45
C ASP C 78 5.40 11.40 -9.39
N VAL C 79 4.48 11.79 -10.27
CA VAL C 79 3.78 10.87 -11.17
C VAL C 79 4.67 10.12 -12.16
N THR C 80 5.83 10.70 -12.50
CA THR C 80 6.77 10.05 -13.42
C THR C 80 7.38 8.81 -12.77
N ASP C 81 7.53 8.86 -11.45
CA ASP C 81 8.05 7.72 -10.68
C ASP C 81 7.06 6.56 -10.61
N LEU C 82 5.83 6.75 -11.08
CA LEU C 82 4.81 5.72 -11.10
C LEU C 82 4.53 5.16 -12.51
N PHE C 83 5.48 5.34 -13.41
CA PHE C 83 5.29 4.87 -14.78
C PHE C 83 5.52 3.36 -14.95
N ALA C 84 6.55 2.84 -14.29
CA ALA C 84 6.93 1.43 -14.41
C ALA C 84 6.06 0.43 -13.62
N THR C 85 4.98 0.90 -12.99
CA THR C 85 4.15 0.03 -12.16
C THR C 85 3.31 -0.98 -12.96
N GLN C 86 3.08 -2.13 -12.33
CA GLN C 86 2.29 -3.19 -12.91
C GLN C 86 0.80 -2.86 -12.88
N PRO C 87 0.14 -2.79 -14.06
CA PRO C 87 -1.30 -2.59 -14.05
C PRO C 87 -2.02 -3.85 -13.58
N GLY C 88 -3.10 -3.68 -12.83
CA GLY C 88 -3.87 -4.82 -12.35
C GLY C 88 -3.45 -5.38 -11.02
N LEU C 89 -2.31 -4.91 -10.46
CA LEU C 89 -1.82 -5.42 -9.16
C LEU C 89 -2.80 -5.19 -8.01
N THR C 90 -3.42 -4.01 -7.98
CA THR C 90 -4.37 -3.66 -6.92
C THR C 90 -5.51 -4.68 -6.87
N SER C 91 -6.11 -4.94 -8.01
CA SER C 91 -7.19 -5.92 -8.10
C SER C 91 -6.70 -7.31 -7.77
N ALA C 92 -5.53 -7.69 -8.29
CA ALA C 92 -5.00 -9.04 -8.07
C ALA C 92 -4.70 -9.30 -6.60
N VAL C 93 -4.04 -8.36 -5.93
CA VAL C 93 -3.71 -8.54 -4.50
C VAL C 93 -4.99 -8.60 -3.65
N ILE C 94 -5.92 -7.69 -3.90
CA ILE C 94 -7.17 -7.67 -3.13
C ILE C 94 -8.00 -8.95 -3.34
N ASP C 95 -8.01 -9.47 -4.56
CA ASP C 95 -8.74 -10.70 -4.92
C ASP C 95 -8.15 -11.89 -4.17
N ALA C 96 -6.85 -11.82 -3.95
CA ALA C 96 -6.10 -12.90 -3.30
C ALA C 96 -6.17 -12.90 -1.76
N LEU C 97 -6.69 -11.84 -1.15
CA LEU C 97 -6.75 -11.78 0.31
C LEU C 97 -7.69 -12.86 0.86
N PRO C 98 -7.31 -13.51 2.00
CA PRO C 98 -8.12 -14.61 2.51
C PRO C 98 -9.57 -14.20 2.83
N ARG C 99 -10.50 -15.11 2.55
CA ARG C 99 -11.91 -14.83 2.79
C ARG C 99 -12.17 -14.56 4.29
N ASN C 100 -12.92 -13.50 4.56
CA ASN C 100 -13.27 -13.07 5.91
C ASN C 100 -12.06 -12.60 6.76
N MET C 101 -10.99 -12.19 6.09
CA MET C 101 -9.85 -11.61 6.77
C MET C 101 -10.25 -10.41 7.62
N VAL C 102 -9.58 -10.22 8.75
CA VAL C 102 -9.81 -9.04 9.58
C VAL C 102 -8.65 -8.06 9.38
N ILE C 103 -8.98 -6.88 8.87
CA ILE C 103 -7.99 -5.86 8.57
C ILE C 103 -8.16 -4.63 9.45
N THR C 104 -7.04 -4.13 9.97
CA THR C 104 -7.04 -3.00 10.88
C THR C 104 -6.57 -1.74 10.13
N CYS C 105 -7.22 -0.62 10.42
CA CYS C 105 -6.83 0.62 9.76
C CYS C 105 -7.16 1.85 10.57
N GLN C 106 -6.73 3.00 10.04
CA GLN C 106 -6.92 4.33 10.62
C GLN C 106 -7.24 5.33 9.49
N GLY C 107 -8.48 5.70 9.26
CA GLY C 107 -9.68 5.04 9.68
C GLY C 107 -10.13 4.23 8.46
N SER C 108 -11.41 3.88 8.40
CA SER C 108 -11.85 2.73 7.59
C SER C 108 -12.59 3.07 6.31
N ASP C 109 -13.07 4.31 6.18
CA ASP C 109 -13.95 4.69 5.06
C ASP C 109 -13.35 4.45 3.68
N ASP C 110 -12.11 4.90 3.47
CA ASP C 110 -11.45 4.72 2.17
C ASP C 110 -11.08 3.25 1.91
N ILE C 111 -10.61 2.56 2.95
CA ILE C 111 -10.25 1.15 2.84
C ILE C 111 -11.48 0.34 2.43
N ARG C 112 -12.61 0.64 3.09
CA ARG C 112 -13.88 -0.05 2.82
CA ARG C 112 -13.88 -0.04 2.83
C ARG C 112 -14.34 0.18 1.39
N LYS C 113 -14.29 1.42 0.91
CA LYS C 113 -14.71 1.71 -0.46
C LYS C 113 -13.88 0.91 -1.45
N LEU C 114 -12.56 0.88 -1.25
CA LEU C 114 -11.68 0.18 -2.18
C LEU C 114 -12.01 -1.31 -2.20
N LEU C 115 -12.10 -1.92 -1.02
CA LEU C 115 -12.32 -3.37 -0.94
C LEU C 115 -13.68 -3.76 -1.51
N GLU C 116 -14.70 -2.96 -1.22
CA GLU C 116 -16.05 -3.23 -1.70
C GLU C 116 -16.18 -3.01 -3.20
N SER C 117 -15.47 -2.04 -3.74
CA SER C 117 -15.45 -1.83 -5.19
C SER C 117 -14.85 -3.05 -5.87
N GLN C 118 -14.08 -3.83 -5.11
CA GLN C 118 -13.48 -5.07 -5.61
C GLN C 118 -14.28 -6.30 -5.23
N GLY C 119 -15.48 -6.08 -4.68
CA GLY C 119 -16.39 -7.15 -4.30
C GLY C 119 -15.96 -7.92 -3.07
N ARG C 120 -15.13 -7.31 -2.23
CA ARG C 120 -14.66 -7.98 -1.02
C ARG C 120 -15.48 -7.14 -0.03
N LYS C 121 -16.60 -7.69 0.45
CA LYS C 121 -17.42 -7.02 1.46
C LYS C 121 -17.33 -8.03 2.60
N ASP C 122 -16.71 -9.18 2.35
CA ASP C 122 -16.51 -10.22 3.35
C ASP C 122 -15.41 -9.86 4.35
N ILE C 123 -14.52 -8.95 3.93
CA ILE C 123 -13.43 -8.52 4.79
C ILE C 123 -13.97 -7.62 5.90
N LYS C 124 -13.57 -7.96 7.12
CA LYS C 124 -13.95 -7.25 8.33
C LYS C 124 -12.90 -6.17 8.64
N LEU C 125 -13.37 -4.97 8.97
CA LEU C 125 -12.48 -3.85 9.20
C LEU C 125 -12.58 -3.34 10.65
N ILE C 126 -11.41 -3.19 11.29
CA ILE C 126 -11.30 -2.59 12.60
C ILE C 126 -10.67 -1.22 12.42
N ASP C 127 -11.41 -0.17 12.79
CA ASP C 127 -10.90 1.20 12.72
C ASP C 127 -10.38 1.61 14.10
N ILE C 128 -9.09 1.91 14.20
CA ILE C 128 -8.50 2.27 15.48
C ILE C 128 -8.91 3.68 15.92
N ALA C 129 -9.33 4.50 14.96
CA ALA C 129 -9.89 5.83 15.21
C ALA C 129 -9.10 6.66 16.21
N LEU C 130 -7.82 6.82 15.93
CA LEU C 130 -6.94 7.64 16.78
C LEU C 130 -6.97 9.10 16.35
N SER C 131 -6.59 9.97 17.27
CA SER C 131 -6.45 11.38 16.96
C SER C 131 -5.26 11.56 16.03
N LYS C 132 -5.10 12.79 15.56
CA LYS C 132 -4.01 13.16 14.65
C LYS C 132 -2.64 13.19 15.33
N THR C 133 -2.63 13.32 16.65
CA THR C 133 -1.41 13.39 17.42
C THR C 133 -0.98 11.99 17.85
N ASP C 134 -1.93 11.21 18.36
CA ASP C 134 -1.63 9.87 18.89
C ASP C 134 -1.15 8.92 17.81
N SER C 135 -1.76 8.99 16.62
CA SER C 135 -1.42 8.10 15.51
C SER C 135 -0.02 8.37 14.95
N ARG C 136 0.52 9.56 15.21
CA ARG C 136 1.81 9.93 14.63
C ARG C 136 2.93 10.16 15.64
N LYS C 137 2.75 9.63 16.85
CA LYS C 137 3.74 9.71 17.91
C LYS C 137 5.08 9.14 17.49
N TYR C 138 5.04 8.02 16.76
CA TYR C 138 6.27 7.34 16.34
C TYR C 138 6.63 7.64 14.88
N GLU C 139 6.04 8.70 14.32
CA GLU C 139 6.31 9.08 12.93
C GLU C 139 7.82 9.25 12.63
N ASN C 140 8.49 10.06 13.45
CA ASN C 140 9.92 10.30 13.24
C ASN C 140 10.72 9.01 13.42
N ALA C 141 10.40 8.27 14.48
CA ALA C 141 11.11 7.05 14.83
C ALA C 141 10.98 5.99 13.73
N VAL C 142 9.81 5.90 13.11
CA VAL C 142 9.57 4.98 12.01
C VAL C 142 10.38 5.36 10.77
N TRP C 143 10.32 6.63 10.35
CA TRP C 143 11.10 7.07 9.21
C TRP C 143 12.59 6.91 9.47
N ASP C 144 13.03 7.20 10.69
CA ASP C 144 14.44 7.02 11.10
C ASP C 144 14.93 5.62 10.81
N GLN C 145 14.08 4.63 11.09
CA GLN C 145 14.45 3.24 11.00
C GLN C 145 14.21 2.64 9.61
N TYR C 146 13.14 3.06 8.95
CA TYR C 146 12.66 2.34 7.76
C TYR C 146 12.61 3.14 6.47
N LYS C 147 13.18 4.33 6.47
CA LYS C 147 13.19 5.19 5.28
C LYS C 147 13.64 4.48 4.00
N ASP C 148 14.57 3.53 4.08
CA ASP C 148 15.08 2.89 2.88
C ASP C 148 14.03 2.03 2.18
N LEU C 149 12.90 1.78 2.85
CA LEU C 149 11.85 0.92 2.30
C LEU C 149 10.92 1.64 1.34
N CYS C 150 10.98 2.97 1.31
CA CYS C 150 10.21 3.76 0.33
C CYS C 150 10.89 5.08 -0.05
N HIS C 151 11.14 5.24 -1.34
CA HIS C 151 11.96 6.34 -1.87
C HIS C 151 11.12 7.26 -2.75
N MET C 152 9.83 7.11 -2.56
CA MET C 152 8.84 7.62 -3.49
C MET C 152 8.26 8.99 -3.10
N HIS C 153 8.46 9.44 -1.87
CA HIS C 153 7.84 10.69 -1.45
C HIS C 153 8.91 11.78 -1.46
N THR C 154 9.12 12.31 -2.66
CA THR C 154 10.21 13.28 -2.89
C THR C 154 9.73 14.74 -3.00
N GLY C 155 8.43 14.90 -3.16
CA GLY C 155 7.84 16.24 -3.28
C GLY C 155 7.64 16.87 -1.94
N VAL C 156 7.80 18.20 -1.86
CA VAL C 156 7.51 18.94 -0.64
C VAL C 156 5.99 18.96 -0.40
N VAL C 157 5.62 18.61 0.84
CA VAL C 157 4.22 18.55 1.24
C VAL C 157 3.95 19.62 2.30
N VAL C 158 2.86 20.36 2.11
CA VAL C 158 2.54 21.50 2.97
C VAL C 158 1.17 21.36 3.61
N GLU C 159 0.93 22.17 4.65
CA GLU C 159 -0.44 22.35 5.19
C GLU C 159 -0.68 23.77 5.68
N GLU C 168 5.36 23.23 6.14
CA GLU C 168 5.90 22.03 5.50
C GLU C 168 5.92 20.84 6.47
N ILE C 169 5.44 19.69 6.01
CA ILE C 169 5.29 18.52 6.87
C ILE C 169 5.89 17.29 6.20
N THR C 170 6.14 16.25 7.01
CA THR C 170 6.60 14.97 6.48
C THR C 170 5.52 14.36 5.56
N PRO C 171 5.92 13.90 4.37
CA PRO C 171 4.99 13.22 3.45
C PRO C 171 4.34 11.96 4.04
N HIS C 172 3.14 11.65 3.55
CA HIS C 172 2.41 10.47 4.02
C HIS C 172 2.70 9.27 3.14
N CYS C 173 3.21 8.20 3.74
CA CYS C 173 3.55 6.96 3.04
C CYS C 173 2.67 5.83 3.59
N ALA C 174 2.09 5.05 2.68
CA ALA C 174 1.22 3.94 3.08
C ALA C 174 1.94 2.95 3.99
N LEU C 175 3.19 2.65 3.66
CA LEU C 175 3.99 1.70 4.44
C LEU C 175 4.37 2.29 5.80
N MET C 176 4.97 3.47 5.81
CA MET C 176 5.34 4.10 7.08
C MET C 176 4.11 4.28 7.98
N ASP C 177 2.97 4.64 7.38
CA ASP C 177 1.72 4.76 8.15
C ASP C 177 1.38 3.47 8.89
N CYS C 178 1.38 2.34 8.19
CA CYS C 178 1.09 1.05 8.80
C CYS C 178 2.00 0.79 10.01
N ILE C 179 3.29 1.02 9.81
CA ILE C 179 4.27 0.73 10.84
C ILE C 179 4.07 1.65 12.04
N MET C 180 3.87 2.95 11.79
CA MET C 180 3.70 3.88 12.90
C MET C 180 2.40 3.71 13.65
N PHE C 181 1.31 3.39 12.94
CA PHE C 181 0.03 3.15 13.61
C PHE C 181 0.13 1.94 14.53
N ASP C 182 0.79 0.88 14.05
CA ASP C 182 1.02 -0.28 14.90
C ASP C 182 1.84 0.08 16.12
N ALA C 183 2.87 0.89 15.95
CA ALA C 183 3.70 1.35 17.06
C ALA C 183 2.87 2.11 18.11
N ALA C 184 1.97 2.98 17.63
CA ALA C 184 1.08 3.74 18.52
C ALA C 184 0.20 2.83 19.39
N VAL C 185 -0.41 1.82 18.77
CA VAL C 185 -1.29 0.88 19.48
C VAL C 185 -0.51 -0.02 20.45
N SER C 186 0.71 -0.40 20.05
CA SER C 186 1.57 -1.27 20.86
C SER C 186 2.33 -0.49 21.95
N GLY C 187 2.26 0.84 21.88
CA GLY C 187 2.86 1.72 22.87
C GLY C 187 4.37 1.73 22.81
N GLY C 188 4.91 1.38 21.64
CA GLY C 188 6.36 1.40 21.42
C GLY C 188 6.72 0.87 20.05
N LEU C 189 7.90 1.25 19.56
CA LEU C 189 8.45 0.68 18.32
C LEU C 189 9.63 -0.20 18.65
N ASN C 190 9.52 -1.51 18.39
CA ASN C 190 10.64 -2.41 18.64
C ASN C 190 11.45 -2.54 17.38
N THR C 191 12.77 -2.48 17.54
CA THR C 191 13.67 -2.44 16.39
C THR C 191 13.88 -3.84 15.77
N SER C 192 13.54 -3.95 14.50
CA SER C 192 13.57 -5.21 13.79
C SER C 192 13.46 -5.02 12.26
N VAL C 193 14.09 -5.94 11.53
CA VAL C 193 14.12 -5.93 10.08
C VAL C 193 12.81 -6.51 9.52
N LEU C 194 12.27 -5.82 8.53
CA LEU C 194 11.04 -6.24 7.87
C LEU C 194 11.30 -7.04 6.60
N ARG C 195 10.26 -7.65 6.06
CA ARG C 195 10.37 -8.57 4.93
C ARG C 195 9.30 -8.29 3.87
N ALA C 196 9.76 -8.02 2.65
CA ALA C 196 8.86 -7.72 1.54
C ALA C 196 8.24 -9.00 0.99
N VAL C 197 6.91 -9.04 0.93
CA VAL C 197 6.18 -10.22 0.46
C VAL C 197 6.26 -10.36 -1.07
N LEU C 198 6.17 -9.25 -1.79
CA LEU C 198 6.11 -9.29 -3.25
C LEU C 198 7.51 -9.26 -3.87
N PRO C 199 7.73 -10.03 -4.95
CA PRO C 199 9.01 -9.91 -5.64
C PRO C 199 9.08 -8.55 -6.37
N ARG C 200 10.29 -8.00 -6.43
CA ARG C 200 10.51 -6.69 -7.01
C ARG C 200 10.00 -6.59 -8.44
N ASP C 201 10.22 -7.64 -9.23
CA ASP C 201 9.84 -7.63 -10.65
C ASP C 201 8.32 -7.72 -10.86
N MET C 202 7.58 -8.02 -9.79
CA MET C 202 6.12 -7.97 -9.86
C MET C 202 5.58 -6.57 -9.65
N VAL C 203 6.32 -5.76 -8.90
CA VAL C 203 5.89 -4.42 -8.49
C VAL C 203 6.26 -3.38 -9.53
N PHE C 204 7.46 -3.50 -10.09
CA PHE C 204 7.96 -2.53 -11.07
C PHE C 204 8.37 -3.21 -12.36
N ARG C 205 8.32 -2.46 -13.46
CA ARG C 205 9.02 -2.90 -14.69
C ARG C 205 10.52 -2.96 -14.45
N THR C 206 11.11 -4.14 -14.66
CA THR C 206 12.50 -4.37 -14.24
C THR C 206 13.52 -4.61 -15.37
N SER C 207 13.05 -4.74 -16.61
CA SER C 207 13.94 -4.98 -17.77
C SER C 207 14.87 -3.80 -18.06
N THR C 208 16.06 -4.10 -18.57
CA THR C 208 17.00 -3.07 -19.02
C THR C 208 17.43 -3.36 -20.47
N PRO C 209 16.76 -2.73 -21.45
CA PRO C 209 17.06 -3.02 -22.86
C PRO C 209 18.51 -2.72 -23.23
N ARG C 210 19.12 -3.63 -23.99
CA ARG C 210 20.50 -3.45 -24.47
C ARG C 210 20.63 -2.24 -25.40
N VAL C 211 19.69 -2.12 -26.34
CA VAL C 211 19.68 -0.99 -27.28
C VAL C 211 18.27 -0.40 -27.41
N VAL C 212 18.19 0.91 -27.59
CA VAL C 212 16.91 1.57 -27.88
C VAL C 212 16.57 1.41 -29.37
N LEU C 213 15.30 1.09 -29.66
CA LEU C 213 14.82 0.91 -31.03
C LEU C 213 13.54 1.71 -31.25
#